data_3O0W
#
_entry.id   3O0W
#
_cell.length_a   42.727
_cell.length_b   43.769
_cell.length_c   133.340
_cell.angle_alpha   90.00
_cell.angle_beta   90.00
_cell.angle_gamma   90.00
#
_symmetry.space_group_name_H-M   'P 21 21 21'
#
loop_
_entity.id
_entity.type
_entity.pdbx_description
1 polymer Calreticulin
2 branched alpha-D-glucopyranose-(1-3)-alpha-D-mannopyranose-(1-2)-alpha-D-mannopyranose-(1-2)-alpha-D-mannopyranose
3 non-polymer 'CALCIUM ION'
4 water water
#
_entity_poly.entity_id   1
_entity_poly.type   'polypeptide(L)'
_entity_poly.pdbx_seq_one_letter_code
;GS(MSE)DPAIYFKEQFLDGDAWTNRWVESKHKSDFGKFVLSSGKFYGDLEKDKGLQTSQDARFYALSAKFEPFSNKGQT
LVVQFTVKHEQNIDCGGGYVKLFPSGLDQKD(MSE)HGDSEYNI(MSE)FGPDICGPGTKKVHVIFNYKGKNVLINKDIR
SKDDEFTHLYTLIVRPDNTYEVKIDNSQVESGSLEDDWDFLPPKGSGSGPDANIYAYDSFAVLGLDLWQVKSGTIFDNFL
ITNDEAYAEEFGNETWGVTKAAEKQ(MSE)KDKQDEEQRLKLEHHHHHH
;
_entity_poly.pdbx_strand_id   A
#
loop_
_chem_comp.id
_chem_comp.type
_chem_comp.name
_chem_comp.formula
CA non-polymer 'CALCIUM ION' 'Ca 2'
GLC D-saccharide, alpha linking alpha-D-glucopyranose 'C6 H12 O6'
MAN D-saccharide, alpha linking alpha-D-mannopyranose 'C6 H12 O6'
#
# COMPACT_ATOMS: atom_id res chain seq x y z
N ASP A 4 18.83 15.25 -4.15
CA ASP A 4 17.38 15.45 -3.90
C ASP A 4 16.54 14.25 -4.34
N PRO A 5 15.84 13.58 -3.39
CA PRO A 5 14.88 12.54 -3.76
C PRO A 5 13.64 13.12 -4.43
N ALA A 6 13.19 12.50 -5.53
CA ALA A 6 11.90 12.85 -6.10
C ALA A 6 10.79 12.27 -5.24
N ILE A 7 9.92 13.15 -4.74
CA ILE A 7 8.76 12.77 -3.93
C ILE A 7 7.55 12.90 -4.85
N TYR A 8 7.08 11.78 -5.38
CA TYR A 8 5.95 11.79 -6.31
C TYR A 8 4.62 11.87 -5.56
N PHE A 9 4.57 11.26 -4.39
CA PHE A 9 3.36 11.28 -3.56
C PHE A 9 3.73 11.04 -2.13
N LYS A 10 3.15 11.84 -1.24
CA LYS A 10 3.27 11.60 0.19
C LYS A 10 1.92 11.86 0.84
N GLU A 11 1.52 10.99 1.76
CA GLU A 11 0.30 11.21 2.52
C GLU A 11 0.44 10.73 3.95
N GLN A 12 0.37 11.68 4.88
CA GLN A 12 0.48 11.41 6.29
C GLN A 12 -0.78 11.76 7.06
N PHE A 13 -1.73 12.43 6.42
CA PHE A 13 -3.00 12.82 7.09
C PHE A 13 -2.76 13.65 8.35
N LEU A 14 -1.90 14.65 8.24
CA LEU A 14 -1.51 15.45 9.38
C LEU A 14 -2.38 16.70 9.58
N ASP A 15 -3.30 16.93 8.65
CA ASP A 15 -4.03 18.20 8.63
C ASP A 15 -5.55 18.06 8.72
N GLY A 16 -6.01 17.19 9.62
CA GLY A 16 -7.44 17.03 9.87
C GLY A 16 -8.19 16.58 8.63
N ASP A 17 -9.31 17.26 8.34
CA ASP A 17 -10.21 16.80 7.27
C ASP A 17 -9.79 17.19 5.84
N ALA A 18 -8.62 17.78 5.69
CA ALA A 18 -8.13 18.27 4.38
C ALA A 18 -7.83 17.14 3.39
N TRP A 19 -7.59 15.94 3.90
CA TRP A 19 -7.38 14.76 3.07
C TRP A 19 -8.52 14.54 2.07
N THR A 20 -9.72 15.00 2.42
CA THR A 20 -10.90 14.77 1.59
C THR A 20 -10.82 15.53 0.25
N ASN A 21 -9.89 16.47 0.17
CA ASN A 21 -9.63 17.19 -1.09
C ASN A 21 -8.58 16.47 -1.93
N ARG A 22 -7.90 15.51 -1.32
CA ARG A 22 -6.82 14.77 -1.96
C ARG A 22 -7.24 13.36 -2.36
N TRP A 23 -8.27 12.83 -1.71
CA TRP A 23 -8.72 11.47 -1.98
C TRP A 23 -10.12 11.50 -2.56
N VAL A 24 -10.38 10.62 -3.52
CA VAL A 24 -11.66 10.56 -4.24
C VAL A 24 -12.33 9.20 -4.01
N GLU A 25 -13.60 9.22 -3.59
CA GLU A 25 -14.41 8.00 -3.51
C GLU A 25 -14.96 7.63 -4.89
N SER A 26 -14.81 6.37 -5.28
CA SER A 26 -15.43 5.88 -6.50
C SER A 26 -16.95 5.76 -6.30
N LYS A 27 -17.70 6.01 -7.36
CA LYS A 27 -19.16 5.79 -7.36
C LYS A 27 -19.56 4.63 -8.27
N HIS A 28 -18.59 3.79 -8.64
CA HIS A 28 -18.86 2.62 -9.46
C HIS A 28 -19.92 1.70 -8.83
N LYS A 29 -19.84 1.51 -7.52
CA LYS A 29 -20.92 0.90 -6.76
C LYS A 29 -21.52 1.96 -5.83
N SER A 30 -22.79 1.75 -5.47
CA SER A 30 -23.50 2.67 -4.59
C SER A 30 -23.31 2.34 -3.11
N ASP A 31 -22.75 1.15 -2.84
CA ASP A 31 -22.64 0.61 -1.48
C ASP A 31 -21.21 0.27 -1.05
N PHE A 32 -20.24 1.05 -1.53
CA PHE A 32 -18.86 0.99 -1.03
C PHE A 32 -18.84 1.39 0.44
N GLY A 33 -17.97 0.74 1.20
CA GLY A 33 -17.78 1.07 2.61
C GLY A 33 -17.09 2.42 2.74
N LYS A 34 -17.22 3.04 3.92
CA LYS A 34 -16.63 4.36 4.15
C LYS A 34 -15.31 4.27 4.90
N PHE A 35 -14.34 5.04 4.43
CA PHE A 35 -13.13 5.34 5.17
C PHE A 35 -13.37 6.51 6.10
N VAL A 36 -12.80 6.41 7.29
CA VAL A 36 -12.85 7.47 8.30
C VAL A 36 -11.42 7.76 8.74
N LEU A 37 -11.12 9.01 9.07
CA LEU A 37 -9.80 9.35 9.57
C LEU A 37 -9.71 9.11 11.08
N SER A 38 -8.83 8.20 11.50
CA SER A 38 -8.76 7.80 12.90
C SER A 38 -7.36 7.30 13.33
N SER A 39 -7.01 7.55 14.59
CA SER A 39 -5.81 6.97 15.20
C SER A 39 -6.09 5.59 15.83
N GLY A 40 -7.36 5.21 15.92
CA GLY A 40 -7.75 3.95 16.57
C GLY A 40 -7.77 3.98 18.08
N LYS A 41 -7.97 2.80 18.69
CA LYS A 41 -8.13 2.65 20.14
C LYS A 41 -6.78 2.84 20.86
N PHE A 42 -5.71 2.38 20.24
CA PHE A 42 -4.35 2.54 20.80
C PHE A 42 -3.45 3.00 19.67
N TYR A 43 -2.40 3.74 20.00
CA TYR A 43 -1.58 4.44 19.00
C TYR A 43 -0.28 4.95 19.61
N GLY A 44 0.69 5.23 18.76
CA GLY A 44 1.95 5.79 19.22
C GLY A 44 1.75 7.23 19.66
N ASP A 45 1.03 7.98 18.83
CA ASP A 45 0.78 9.40 19.05
C ASP A 45 -0.57 9.72 18.43
N LEU A 46 -1.43 10.39 19.19
CA LEU A 46 -2.78 10.71 18.72
C LEU A 46 -2.80 11.43 17.38
N GLU A 47 -1.96 12.44 17.21
CA GLU A 47 -1.94 13.27 16.00
C GLU A 47 -1.27 12.53 14.83
N LYS A 48 -0.09 11.98 15.06
CA LYS A 48 0.73 11.42 13.99
C LYS A 48 0.12 10.16 13.41
N ASP A 49 -0.58 9.39 14.24
CA ASP A 49 -1.04 8.07 13.82
C ASP A 49 -2.49 8.04 13.30
N LYS A 50 -3.03 9.22 13.04
CA LYS A 50 -4.23 9.36 12.23
C LYS A 50 -3.95 8.81 10.85
N GLY A 51 -4.87 7.98 10.37
CA GLY A 51 -4.83 7.49 9.00
C GLY A 51 -6.21 7.05 8.60
N LEU A 52 -6.31 6.49 7.39
CA LEU A 52 -7.59 6.07 6.83
C LEU A 52 -8.00 4.71 7.38
N GLN A 53 -9.15 4.67 8.06
CA GLN A 53 -9.65 3.43 8.66
C GLN A 53 -10.91 2.93 7.94
N THR A 54 -10.92 1.65 7.59
CA THR A 54 -12.15 1.06 7.04
C THR A 54 -13.13 1.04 8.18
N SER A 55 -14.36 1.51 7.95
CA SER A 55 -15.32 1.68 9.05
C SER A 55 -16.54 0.75 9.00
N GLN A 56 -16.70 -0.04 7.94
CA GLN A 56 -17.87 -0.89 7.80
C GLN A 56 -17.53 -2.34 7.41
N ASP A 57 -18.04 -3.28 8.20
CA ASP A 57 -17.80 -4.72 7.95
C ASP A 57 -18.40 -5.19 6.63
N ALA A 58 -17.82 -6.27 6.09
CA ALA A 58 -18.31 -6.90 4.85
C ALA A 58 -18.64 -5.88 3.75
N ARG A 59 -17.63 -5.11 3.34
CA ARG A 59 -17.78 -4.08 2.32
C ARG A 59 -16.63 -4.08 1.33
N PHE A 60 -16.91 -3.66 0.10
CA PHE A 60 -15.87 -3.28 -0.84
C PHE A 60 -15.52 -1.83 -0.63
N TYR A 61 -14.24 -1.50 -0.83
CA TYR A 61 -13.71 -0.16 -0.63
C TYR A 61 -13.04 0.30 -1.92
N ALA A 62 -13.26 1.57 -2.28
CA ALA A 62 -12.65 2.16 -3.49
C ALA A 62 -12.41 3.65 -3.29
N LEU A 63 -11.18 3.97 -2.90
CA LEU A 63 -10.75 5.33 -2.63
C LEU A 63 -9.37 5.51 -3.22
N SER A 64 -9.11 6.65 -3.84
CA SER A 64 -7.83 6.87 -4.52
C SER A 64 -7.35 8.31 -4.50
N ALA A 65 -6.07 8.51 -4.75
CA ALA A 65 -5.46 9.83 -4.72
C ALA A 65 -4.55 10.01 -5.93
N LYS A 66 -4.77 11.08 -6.68
CA LYS A 66 -3.93 11.42 -7.84
C LYS A 66 -2.69 12.20 -7.45
N PHE A 67 -1.68 12.14 -8.32
CA PHE A 67 -0.46 12.93 -8.22
C PHE A 67 -0.01 13.24 -9.65
N GLU A 68 0.89 14.21 -9.79
CA GLU A 68 1.42 14.59 -11.10
C GLU A 68 2.12 13.36 -11.70
N PRO A 69 1.70 12.95 -12.92
CA PRO A 69 2.17 11.70 -13.53
C PRO A 69 3.68 11.60 -13.69
N PHE A 70 4.21 10.39 -13.58
CA PHE A 70 5.63 10.14 -13.82
C PHE A 70 5.83 8.76 -14.43
N SER A 71 7.00 8.55 -15.03
CA SER A 71 7.43 7.25 -15.51
C SER A 71 8.66 6.82 -14.71
N ASN A 72 8.75 5.53 -14.37
CA ASN A 72 9.94 5.00 -13.71
C ASN A 72 11.04 4.54 -14.67
N LYS A 73 10.81 4.74 -15.98
CA LYS A 73 11.85 4.41 -16.98
C LYS A 73 13.18 5.06 -16.64
N GLY A 74 14.21 4.21 -16.54
CA GLY A 74 15.59 4.62 -16.26
C GLY A 74 15.89 4.90 -14.81
N GLN A 75 14.89 4.77 -13.95
CA GLN A 75 15.07 5.09 -12.53
C GLN A 75 14.46 4.04 -11.59
N THR A 76 14.65 4.24 -10.28
CA THR A 76 14.09 3.36 -9.26
C THR A 76 12.70 3.86 -8.88
N LEU A 77 11.81 2.91 -8.57
CA LEU A 77 10.48 3.19 -8.06
C LEU A 77 10.36 2.58 -6.67
N VAL A 78 9.90 3.38 -5.70
CA VAL A 78 9.66 2.87 -4.35
C VAL A 78 8.22 3.22 -3.95
N VAL A 79 7.46 2.17 -3.59
CA VAL A 79 6.12 2.32 -2.99
C VAL A 79 6.14 1.84 -1.55
N GLN A 80 5.67 2.71 -0.66
CA GLN A 80 5.69 2.44 0.77
C GLN A 80 4.45 2.96 1.49
N PHE A 81 3.97 2.18 2.47
CA PHE A 81 2.88 2.59 3.35
C PHE A 81 2.85 1.72 4.60
N THR A 82 2.11 2.17 5.61
CA THR A 82 1.86 1.34 6.79
C THR A 82 0.43 0.82 6.79
N VAL A 83 0.26 -0.39 7.34
CA VAL A 83 -1.02 -1.07 7.50
C VAL A 83 -1.13 -1.53 8.95
N LYS A 84 -2.27 -1.24 9.57
CA LYS A 84 -2.53 -1.65 10.95
C LYS A 84 -3.89 -2.34 11.02
N HIS A 85 -3.90 -3.65 11.15
CA HIS A 85 -5.14 -4.41 11.32
C HIS A 85 -5.52 -4.50 12.78
N GLU A 86 -5.82 -3.34 13.35
CA GLU A 86 -6.15 -3.17 14.76
C GLU A 86 -7.32 -4.07 15.23
N GLN A 87 -8.15 -4.49 14.29
CA GLN A 87 -9.38 -5.22 14.60
C GLN A 87 -9.17 -6.72 14.87
N ASN A 88 -7.96 -7.21 14.63
CA ASN A 88 -7.69 -8.65 14.54
C ASN A 88 -8.46 -9.28 13.39
N ILE A 89 -7.98 -9.00 12.20
CA ILE A 89 -8.72 -9.27 10.98
C ILE A 89 -8.86 -10.77 10.73
N ASP A 90 -10.02 -11.16 10.23
CA ASP A 90 -10.23 -12.53 9.77
C ASP A 90 -9.93 -12.63 8.26
N CYS A 91 -10.51 -11.70 7.50
CA CYS A 91 -10.37 -11.66 6.06
C CYS A 91 -10.44 -10.20 5.63
N GLY A 92 -9.47 -9.75 4.86
CA GLY A 92 -9.51 -8.40 4.32
C GLY A 92 -8.20 -8.01 3.70
N GLY A 93 -8.26 -7.21 2.63
CA GLY A 93 -7.06 -6.74 1.94
C GLY A 93 -6.37 -5.59 2.66
N GLY A 94 -5.10 -5.38 2.32
CA GLY A 94 -4.29 -4.29 2.89
C GLY A 94 -3.25 -3.77 1.90
N TYR A 95 -3.56 -3.91 0.63
CA TYR A 95 -2.63 -3.61 -0.46
C TYR A 95 -3.08 -2.39 -1.27
N VAL A 96 -2.15 -1.83 -2.03
CA VAL A 96 -2.41 -0.66 -2.86
C VAL A 96 -2.29 -1.06 -4.33
N LYS A 97 -2.86 -0.22 -5.21
CA LYS A 97 -2.66 -0.35 -6.65
C LYS A 97 -2.14 0.97 -7.18
N LEU A 98 -1.23 0.91 -8.14
CA LEU A 98 -0.77 2.12 -8.82
C LEU A 98 -1.29 2.08 -10.24
N PHE A 99 -2.01 3.13 -10.63
CA PHE A 99 -2.71 3.21 -11.90
C PHE A 99 -2.00 4.18 -12.83
N PRO A 100 -2.07 3.93 -14.16
CA PRO A 100 -1.61 4.89 -15.18
C PRO A 100 -2.53 6.11 -15.29
N SER A 101 -2.09 7.10 -16.08
CA SER A 101 -2.86 8.35 -16.28
C SER A 101 -4.32 8.23 -16.74
N GLY A 102 -4.68 7.13 -17.38
CA GLY A 102 -6.05 7.01 -17.91
C GLY A 102 -7.21 6.76 -16.93
N LEU A 103 -6.90 6.49 -15.67
CA LEU A 103 -7.93 6.10 -14.71
C LEU A 103 -8.95 7.18 -14.37
N ASP A 104 -10.23 6.80 -14.43
CA ASP A 104 -11.31 7.63 -13.92
C ASP A 104 -11.52 7.27 -12.44
N GLN A 105 -11.15 8.21 -11.57
CA GLN A 105 -11.23 7.99 -10.11
C GLN A 105 -12.65 7.78 -9.61
N LYS A 106 -13.60 8.44 -10.26
CA LYS A 106 -15.03 8.30 -9.95
C LYS A 106 -15.62 6.95 -10.34
N ASP A 107 -14.88 6.18 -11.14
CA ASP A 107 -15.37 4.88 -11.61
C ASP A 107 -14.41 3.72 -11.30
N MSE A 108 -13.41 3.97 -10.44
CA MSE A 108 -12.45 2.92 -10.09
C MSE A 108 -13.09 1.74 -9.36
O MSE A 108 -13.88 1.92 -8.45
CB MSE A 108 -11.31 3.48 -9.24
CG MSE A 108 -10.19 2.48 -9.11
SE MSE A 108 -10.26 1.49 -7.44
CE MSE A 108 -9.13 2.82 -6.57
N HIS A 109 -12.70 0.54 -9.76
CA HIS A 109 -13.17 -0.66 -9.09
C HIS A 109 -12.11 -1.76 -9.22
N GLY A 110 -12.44 -2.95 -8.74
CA GLY A 110 -11.50 -4.08 -8.70
C GLY A 110 -10.91 -4.48 -10.04
N ASP A 111 -11.65 -4.25 -11.11
CA ASP A 111 -11.22 -4.66 -12.45
C ASP A 111 -10.68 -3.52 -13.33
N SER A 112 -10.57 -2.32 -12.77
CA SER A 112 -9.93 -1.20 -13.47
C SER A 112 -8.49 -1.58 -13.78
N GLU A 113 -7.97 -1.17 -14.93
CA GLU A 113 -6.60 -1.48 -15.32
C GLU A 113 -5.58 -0.78 -14.41
N TYR A 114 -4.67 -1.55 -13.82
CA TYR A 114 -3.60 -1.01 -12.98
C TYR A 114 -2.22 -1.47 -13.49
N ASN A 115 -1.15 -0.79 -13.06
CA ASN A 115 0.22 -1.18 -13.41
C ASN A 115 0.82 -2.15 -12.40
N ILE A 116 0.73 -1.77 -11.12
CA ILE A 116 1.32 -2.53 -10.02
C ILE A 116 0.32 -2.67 -8.87
N MSE A 117 0.23 -3.87 -8.31
CA MSE A 117 -0.48 -4.08 -7.04
C MSE A 117 0.50 -4.67 -6.04
O MSE A 117 1.17 -5.67 -6.32
CB MSE A 117 -1.70 -4.97 -7.23
CG MSE A 117 -2.40 -5.39 -5.95
SE MSE A 117 -4.00 -6.44 -6.27
CE MSE A 117 -3.71 -7.80 -4.90
N PHE A 118 0.57 -4.05 -4.86
CA PHE A 118 1.52 -4.43 -3.82
C PHE A 118 0.91 -4.35 -2.42
N GLY A 119 1.12 -5.39 -1.61
CA GLY A 119 0.80 -5.33 -0.19
C GLY A 119 0.17 -6.58 0.40
N PRO A 120 -0.03 -6.55 1.73
CA PRO A 120 -0.56 -7.70 2.45
C PRO A 120 -2.02 -8.00 2.14
N ASP A 121 -2.34 -9.28 2.04
CA ASP A 121 -3.70 -9.74 1.85
C ASP A 121 -3.89 -10.86 2.86
N ILE A 122 -5.07 -10.92 3.47
CA ILE A 122 -5.39 -11.94 4.48
C ILE A 122 -6.80 -12.44 4.23
N CYS A 123 -6.96 -13.76 4.19
CA CYS A 123 -8.29 -14.34 4.02
C CYS A 123 -8.32 -15.71 4.64
N GLY A 124 -8.58 -15.75 5.95
CA GLY A 124 -8.43 -16.97 6.71
C GLY A 124 -6.97 -17.42 6.77
N PRO A 125 -6.69 -18.49 7.53
CA PRO A 125 -5.32 -18.97 7.71
C PRO A 125 -4.62 -19.39 6.40
N GLY A 126 -5.39 -19.75 5.37
CA GLY A 126 -4.83 -20.18 4.08
C GLY A 126 -4.14 -19.07 3.29
N THR A 127 -4.66 -17.85 3.43
CA THR A 127 -4.15 -16.68 2.72
C THR A 127 -3.58 -15.65 3.68
N LYS A 128 -2.24 -15.59 3.72
CA LYS A 128 -1.52 -14.67 4.59
C LYS A 128 -0.28 -14.21 3.81
N LYS A 129 -0.57 -13.44 2.75
CA LYS A 129 0.30 -13.24 1.59
C LYS A 129 0.62 -11.77 1.33
N VAL A 130 1.85 -11.47 0.93
CA VAL A 130 2.17 -10.16 0.36
C VAL A 130 2.15 -10.28 -1.18
N HIS A 131 1.17 -9.65 -1.80
CA HIS A 131 1.07 -9.61 -3.25
C HIS A 131 2.10 -8.68 -3.85
N VAL A 132 2.69 -9.12 -4.96
CA VAL A 132 3.49 -8.24 -5.83
C VAL A 132 3.11 -8.58 -7.27
N ILE A 133 2.26 -7.74 -7.86
CA ILE A 133 1.69 -8.01 -9.17
C ILE A 133 2.12 -6.94 -10.17
N PHE A 134 2.63 -7.39 -11.31
CA PHE A 134 2.98 -6.53 -12.43
C PHE A 134 2.08 -6.82 -13.62
N ASN A 135 1.49 -5.77 -14.18
CA ASN A 135 0.77 -5.89 -15.43
C ASN A 135 1.80 -5.97 -16.57
N TYR A 136 1.68 -7.01 -17.40
CA TYR A 136 2.62 -7.25 -18.50
C TYR A 136 1.95 -8.04 -19.62
N LYS A 137 2.03 -7.49 -20.82
CA LYS A 137 1.42 -8.10 -22.02
C LYS A 137 -0.05 -8.48 -21.82
N GLY A 138 -0.81 -7.57 -21.21
CA GLY A 138 -2.25 -7.72 -21.04
C GLY A 138 -2.65 -8.62 -19.89
N LYS A 139 -1.68 -9.03 -19.07
CA LYS A 139 -1.97 -9.90 -17.93
C LYS A 139 -1.41 -9.33 -16.63
N ASN A 140 -2.12 -9.56 -15.52
CA ASN A 140 -1.62 -9.21 -14.20
C ASN A 140 -0.90 -10.39 -13.59
N VAL A 141 0.43 -10.32 -13.54
CA VAL A 141 1.28 -11.47 -13.19
C VAL A 141 1.67 -11.42 -11.71
N LEU A 142 1.34 -12.50 -10.97
CA LEU A 142 1.66 -12.62 -9.55
C LEU A 142 3.05 -13.21 -9.32
N ILE A 143 3.76 -12.67 -8.33
CA ILE A 143 5.10 -13.14 -7.96
C ILE A 143 5.06 -14.65 -7.64
N ASN A 144 6.10 -15.39 -8.06
CA ASN A 144 6.16 -16.84 -7.82
C ASN A 144 6.65 -17.22 -6.43
N LYS A 145 7.01 -16.21 -5.64
CA LYS A 145 7.49 -16.44 -4.28
C LYS A 145 6.42 -16.19 -3.20
N ASP A 146 6.47 -17.01 -2.16
CA ASP A 146 5.62 -16.86 -0.99
C ASP A 146 6.23 -15.87 -0.03
N ILE A 147 5.59 -14.72 0.14
CA ILE A 147 5.99 -13.74 1.14
C ILE A 147 4.88 -13.66 2.19
N ARG A 148 5.18 -13.99 3.43
CA ARG A 148 4.16 -13.99 4.47
C ARG A 148 3.83 -12.58 4.95
N SER A 149 2.53 -12.29 5.11
CA SER A 149 2.09 -11.01 5.65
C SER A 149 1.98 -11.05 7.18
N LYS A 150 2.09 -9.87 7.81
CA LYS A 150 1.86 -9.76 9.26
C LYS A 150 0.36 -9.80 9.54
N ASP A 151 -0.04 -10.45 10.63
CA ASP A 151 -1.45 -10.63 10.90
C ASP A 151 -1.88 -10.14 12.28
N ASP A 152 -0.95 -9.53 13.02
CA ASP A 152 -1.27 -9.01 14.35
C ASP A 152 -2.04 -7.68 14.28
N GLU A 153 -2.18 -7.04 15.45
CA GLU A 153 -2.98 -5.83 15.65
C GLU A 153 -2.18 -4.55 15.46
N PHE A 154 -0.89 -4.69 15.14
CA PHE A 154 0.03 -3.56 15.18
C PHE A 154 0.36 -2.97 13.81
N THR A 155 0.95 -1.77 13.83
CA THR A 155 1.32 -1.08 12.60
C THR A 155 2.56 -1.72 12.00
N HIS A 156 2.48 -2.04 10.71
CA HIS A 156 3.63 -2.58 9.98
C HIS A 156 3.89 -1.78 8.72
N LEU A 157 5.16 -1.65 8.38
CA LEU A 157 5.59 -0.94 7.19
C LEU A 157 5.79 -1.92 6.03
N TYR A 158 5.20 -1.59 4.88
CA TYR A 158 5.38 -2.37 3.67
C TYR A 158 6.07 -1.52 2.61
N THR A 159 7.12 -2.08 2.02
CA THR A 159 7.96 -1.34 1.06
C THR A 159 8.26 -2.23 -0.13
N LEU A 160 7.97 -1.72 -1.33
CA LEU A 160 8.39 -2.36 -2.57
C LEU A 160 9.34 -1.44 -3.31
N ILE A 161 10.48 -2.00 -3.71
CA ILE A 161 11.50 -1.30 -4.49
C ILE A 161 11.62 -1.99 -5.86
N VAL A 162 11.54 -1.20 -6.93
CA VAL A 162 11.71 -1.72 -8.30
C VAL A 162 12.79 -0.93 -9.01
N ARG A 163 13.87 -1.61 -9.41
CA ARG A 163 15.05 -0.92 -9.96
C ARG A 163 15.17 -1.14 -11.47
N PRO A 164 15.81 -0.19 -12.18
CA PRO A 164 15.89 -0.25 -13.64
C PRO A 164 16.83 -1.33 -14.22
N ASP A 165 17.43 -2.15 -13.35
CA ASP A 165 18.15 -3.35 -13.82
C ASP A 165 17.28 -4.61 -13.72
N ASN A 166 15.97 -4.39 -13.61
CA ASN A 166 14.99 -5.47 -13.41
C ASN A 166 15.17 -6.29 -12.13
N THR A 167 15.71 -5.67 -11.09
CA THR A 167 15.72 -6.28 -9.75
C THR A 167 14.65 -5.62 -8.86
N TYR A 168 14.26 -6.31 -7.80
CA TYR A 168 13.27 -5.77 -6.88
C TYR A 168 13.64 -6.17 -5.45
N GLU A 169 13.01 -5.48 -4.50
CA GLU A 169 13.15 -5.81 -3.09
C GLU A 169 11.85 -5.50 -2.37
N VAL A 170 11.43 -6.43 -1.52
CA VAL A 170 10.31 -6.23 -0.60
C VAL A 170 10.84 -6.16 0.85
N LYS A 171 10.43 -5.12 1.57
CA LYS A 171 10.76 -4.99 2.99
C LYS A 171 9.48 -4.96 3.79
N ILE A 172 9.52 -5.59 4.96
CA ILE A 172 8.46 -5.43 5.96
C ILE A 172 9.14 -4.91 7.21
N ASP A 173 8.57 -3.85 7.78
CA ASP A 173 9.14 -3.17 8.94
C ASP A 173 10.58 -2.74 8.68
N ASN A 174 10.79 -2.23 7.45
CA ASN A 174 12.06 -1.67 7.00
C ASN A 174 13.21 -2.67 6.97
N SER A 175 12.87 -3.95 6.87
CA SER A 175 13.86 -5.02 6.77
C SER A 175 13.52 -5.95 5.61
N GLN A 176 14.50 -6.24 4.76
CA GLN A 176 14.27 -7.10 3.59
C GLN A 176 13.66 -8.46 3.95
N VAL A 177 12.58 -8.82 3.26
CA VAL A 177 11.98 -10.16 3.40
C VAL A 177 12.05 -10.96 2.10
N GLU A 178 12.23 -10.25 0.98
CA GLU A 178 12.31 -10.90 -0.33
C GLU A 178 13.05 -10.00 -1.34
N SER A 179 13.71 -10.63 -2.30
CA SER A 179 14.60 -9.96 -3.24
C SER A 179 14.86 -10.87 -4.43
N GLY A 180 15.11 -10.29 -5.60
CA GLY A 180 15.44 -11.08 -6.78
C GLY A 180 15.34 -10.26 -8.05
N SER A 181 15.29 -10.94 -9.19
CA SER A 181 15.07 -10.25 -10.45
C SER A 181 13.69 -10.55 -11.03
N LEU A 182 13.13 -9.57 -11.74
CA LEU A 182 11.79 -9.70 -12.30
C LEU A 182 11.67 -10.90 -13.22
N GLU A 183 12.71 -11.16 -14.02
CA GLU A 183 12.75 -12.27 -14.97
C GLU A 183 12.63 -13.65 -14.28
N ASP A 184 13.20 -13.77 -13.10
CA ASP A 184 13.23 -15.04 -12.37
C ASP A 184 11.99 -15.35 -11.53
N ASP A 185 11.40 -14.30 -10.95
CA ASP A 185 10.41 -14.50 -9.87
C ASP A 185 8.95 -14.33 -10.27
N TRP A 186 8.74 -13.98 -11.53
CA TRP A 186 7.42 -13.97 -12.17
C TRP A 186 7.60 -14.71 -13.48
N ASP A 187 6.50 -15.24 -14.00
CA ASP A 187 6.52 -15.87 -15.31
C ASP A 187 6.12 -14.88 -16.40
N PHE A 188 7.06 -14.00 -16.72
CA PHE A 188 6.95 -13.08 -17.84
C PHE A 188 7.42 -13.78 -19.13
N LEU A 189 8.56 -14.47 -19.02
CA LEU A 189 9.20 -15.35 -20.05
C LEU A 189 8.67 -15.36 -21.50
N PRO A 198 14.88 -11.89 -23.52
CA PRO A 198 15.48 -11.19 -22.38
C PRO A 198 15.06 -9.72 -22.35
N ASP A 199 13.88 -9.45 -21.78
CA ASP A 199 13.27 -8.12 -21.82
C ASP A 199 13.78 -7.20 -20.71
N ALA A 200 14.65 -6.26 -21.09
CA ALA A 200 15.26 -5.32 -20.14
C ALA A 200 14.29 -4.24 -19.61
N ASN A 201 13.13 -4.11 -20.26
CA ASN A 201 12.19 -3.03 -19.91
C ASN A 201 10.93 -3.48 -19.13
N ILE A 202 10.96 -4.67 -18.54
CA ILE A 202 9.79 -5.21 -17.82
C ILE A 202 9.36 -4.29 -16.68
N TYR A 203 10.35 -3.73 -15.99
CA TYR A 203 10.13 -2.88 -14.81
C TYR A 203 9.43 -1.56 -15.14
N ALA A 204 9.61 -1.09 -16.38
CA ALA A 204 9.23 0.26 -16.79
C ALA A 204 7.77 0.39 -17.20
N TYR A 205 7.12 1.43 -16.70
CA TYR A 205 5.78 1.80 -17.11
C TYR A 205 5.76 3.23 -17.62
N ASP A 206 4.95 3.47 -18.65
CA ASP A 206 4.95 4.77 -19.26
C ASP A 206 4.34 5.87 -18.39
N SER A 207 3.42 5.50 -17.49
CA SER A 207 2.97 6.45 -16.45
C SER A 207 2.38 5.82 -15.19
N PHE A 208 2.56 6.56 -14.08
CA PHE A 208 1.83 6.34 -12.83
C PHE A 208 1.18 7.67 -12.50
N ALA A 209 -0.09 7.63 -12.14
CA ALA A 209 -0.84 8.86 -11.85
C ALA A 209 -1.77 8.81 -10.64
N VAL A 210 -2.15 7.61 -10.19
CA VAL A 210 -3.11 7.45 -9.09
C VAL A 210 -2.67 6.27 -8.21
N LEU A 211 -2.80 6.44 -6.90
CA LEU A 211 -2.66 5.35 -5.94
C LEU A 211 -4.04 5.06 -5.38
N GLY A 212 -4.40 3.78 -5.35
CA GLY A 212 -5.75 3.41 -4.94
C GLY A 212 -5.83 2.31 -3.91
N LEU A 213 -6.85 2.41 -3.07
CA LEU A 213 -7.22 1.36 -2.16
C LEU A 213 -8.48 0.69 -2.69
N ASP A 214 -8.29 -0.51 -3.22
CA ASP A 214 -9.35 -1.36 -3.71
C ASP A 214 -9.33 -2.61 -2.83
N LEU A 215 -10.24 -2.67 -1.86
CA LEU A 215 -10.23 -3.75 -0.86
C LEU A 215 -11.59 -4.39 -0.69
N TRP A 216 -11.55 -5.65 -0.26
CA TRP A 216 -12.68 -6.29 0.40
C TRP A 216 -12.26 -6.59 1.85
N GLN A 217 -13.16 -6.36 2.79
CA GLN A 217 -12.92 -6.71 4.19
C GLN A 217 -14.19 -7.28 4.82
N VAL A 218 -14.03 -8.36 5.58
CA VAL A 218 -15.09 -8.87 6.45
C VAL A 218 -15.04 -8.01 7.71
N LYS A 219 -14.14 -8.30 8.63
CA LYS A 219 -14.01 -7.46 9.81
C LYS A 219 -13.17 -6.24 9.45
N SER A 220 -13.82 -5.07 9.44
CA SER A 220 -13.17 -3.80 9.10
C SER A 220 -12.38 -3.23 10.29
N GLY A 221 -11.71 -2.09 10.08
CA GLY A 221 -10.97 -1.42 11.14
C GLY A 221 -9.49 -1.26 10.87
N THR A 222 -9.05 -1.69 9.68
CA THR A 222 -7.68 -1.50 9.22
C THR A 222 -7.39 -0.01 9.06
N ILE A 223 -6.22 0.43 9.50
CA ILE A 223 -5.79 1.82 9.32
C ILE A 223 -4.56 1.88 8.43
N PHE A 224 -4.64 2.72 7.40
CA PHE A 224 -3.54 2.93 6.45
C PHE A 224 -2.92 4.31 6.69
N ASP A 225 -1.61 4.42 6.62
CA ASP A 225 -0.94 5.72 6.91
C ASP A 225 0.38 5.82 6.15
N ASN A 226 0.96 7.01 6.13
CA ASN A 226 2.36 7.20 5.74
C ASN A 226 2.72 6.67 4.35
N PHE A 227 1.84 6.95 3.38
CA PHE A 227 2.03 6.60 1.99
C PHE A 227 3.19 7.42 1.43
N LEU A 228 4.07 6.75 0.68
CA LEU A 228 5.18 7.39 0.00
C LEU A 228 5.42 6.71 -1.35
N ILE A 229 5.51 7.51 -2.40
CA ILE A 229 6.00 7.03 -3.70
C ILE A 229 7.20 7.91 -4.05
N THR A 230 8.34 7.28 -4.29
CA THR A 230 9.59 8.03 -4.50
C THR A 230 10.56 7.24 -5.37
N ASN A 231 11.61 7.90 -5.85
CA ASN A 231 12.65 7.28 -6.66
C ASN A 231 13.92 6.96 -5.86
N ASP A 232 13.83 7.12 -4.54
CA ASP A 232 15.01 7.09 -3.70
C ASP A 232 14.82 6.10 -2.55
N GLU A 233 15.54 4.98 -2.66
CA GLU A 233 15.52 3.89 -1.68
C GLU A 233 15.94 4.34 -0.29
N ALA A 234 17.02 5.11 -0.25
CA ALA A 234 17.58 5.60 1.02
C ALA A 234 16.60 6.52 1.74
N TYR A 235 15.93 7.38 0.96
CA TYR A 235 14.93 8.27 1.53
C TYR A 235 13.73 7.51 2.11
N ALA A 236 13.20 6.55 1.35
CA ALA A 236 12.07 5.73 1.83
C ALA A 236 12.43 5.03 3.15
N GLU A 237 13.66 4.53 3.24
CA GLU A 237 14.14 3.92 4.49
C GLU A 237 14.16 4.91 5.66
N GLU A 238 14.67 6.11 5.42
CA GLU A 238 14.69 7.18 6.43
C GLU A 238 13.25 7.56 6.82
N PHE A 239 12.42 7.82 5.83
CA PHE A 239 11.01 8.15 6.08
C PHE A 239 10.31 7.07 6.91
N GLY A 240 10.56 5.80 6.58
CA GLY A 240 10.03 4.67 7.35
C GLY A 240 10.40 4.64 8.82
N ASN A 241 11.67 4.93 9.12
CA ASN A 241 12.13 5.03 10.52
C ASN A 241 11.55 6.25 11.25
N GLU A 242 11.41 7.36 10.52
CA GLU A 242 10.83 8.60 11.04
C GLU A 242 9.33 8.47 11.25
N THR A 243 8.76 7.45 10.65
CA THR A 243 7.32 7.31 10.58
C THR A 243 6.88 6.05 11.34
N TRP A 244 6.90 4.88 10.69
CA TRP A 244 6.64 3.59 11.35
C TRP A 244 7.54 3.36 12.57
N GLY A 245 8.82 3.73 12.43
CA GLY A 245 9.83 3.50 13.46
C GLY A 245 9.59 4.22 14.78
N VAL A 246 8.88 5.33 14.72
CA VAL A 246 8.52 6.13 15.91
C VAL A 246 7.16 5.68 16.47
N THR A 247 6.29 5.19 15.60
CA THR A 247 4.98 4.70 16.02
C THR A 247 5.08 3.44 16.90
N LYS A 248 5.96 2.52 16.50
CA LYS A 248 5.87 1.11 16.91
C LYS A 248 5.90 0.87 18.41
N ALA A 249 6.93 1.39 19.08
CA ALA A 249 7.14 1.14 20.52
C ALA A 249 6.07 1.78 21.42
N ALA A 250 5.73 3.03 21.13
CA ALA A 250 4.70 3.74 21.89
C ALA A 250 3.32 3.12 21.70
N GLU A 251 3.07 2.59 20.50
CA GLU A 251 1.80 1.93 20.19
C GLU A 251 1.60 0.65 21.02
N LYS A 252 2.62 -0.19 21.04
CA LYS A 252 2.60 -1.44 21.80
C LYS A 252 2.51 -1.13 23.31
N GLN A 253 3.26 -0.13 23.78
CA GLN A 253 3.13 0.37 25.15
C GLN A 253 1.68 0.67 25.54
N MSE A 254 0.99 1.43 24.70
CA MSE A 254 -0.40 1.80 24.99
C MSE A 254 -1.33 0.58 24.97
O MSE A 254 -2.22 0.47 25.82
CB MSE A 254 -0.88 2.89 24.04
CG MSE A 254 -2.23 3.45 24.39
SE MSE A 254 -2.67 5.02 23.35
CE MSE A 254 -4.45 5.33 24.07
N LYS A 255 -1.13 -0.31 24.01
CA LYS A 255 -1.92 -1.54 23.90
C LYS A 255 -1.71 -2.46 25.12
N ASP A 256 -0.46 -2.58 25.55
CA ASP A 256 -0.11 -3.37 26.72
C ASP A 256 -0.76 -2.83 27.99
N LYS A 257 -0.76 -1.51 28.15
CA LYS A 257 -1.51 -0.83 29.22
C LYS A 257 -2.97 -1.26 29.21
N GLN A 258 -3.57 -1.27 28.01
CA GLN A 258 -4.94 -1.74 27.81
C GLN A 258 -4.98 -3.25 28.04
N ASP A 259 -5.03 -3.61 29.33
CA ASP A 259 -4.91 -4.99 29.84
C ASP A 259 -4.58 -6.06 28.80
C1 MAN B . -13.18 -14.10 -0.27
C2 MAN B . -13.42 -12.95 -1.19
C3 MAN B . -14.83 -12.57 -1.47
C4 MAN B . -15.18 -13.75 -2.35
C5 MAN B . -14.98 -15.06 -1.56
C6 MAN B . -15.37 -16.24 -2.41
O1 MAN B . -13.95 -14.02 0.93
O2 MAN B . -12.25 -12.51 -1.90
O3 MAN B . -15.00 -11.35 -2.21
O4 MAN B . -16.53 -13.66 -2.85
O5 MAN B . -13.63 -15.21 -1.07
O6 MAN B . -14.24 -17.10 -2.63
C1 MAN B . -11.84 -11.18 -2.10
C2 MAN B . -10.77 -11.37 -3.19
C3 MAN B . -9.58 -12.16 -2.66
C4 MAN B . -9.04 -11.56 -1.37
C5 MAN B . -10.17 -11.35 -0.34
C6 MAN B . -9.69 -10.58 0.89
O2 MAN B . -10.35 -10.10 -3.70
O3 MAN B . -8.51 -12.25 -3.61
O4 MAN B . -8.00 -12.40 -0.83
O5 MAN B . -11.26 -10.62 -0.92
O6 MAN B . -8.89 -9.46 0.52
C1 MAN B . -11.13 -9.62 -4.79
C2 MAN B . -10.25 -9.56 -6.03
C3 MAN B . -9.14 -8.52 -5.88
C4 MAN B . -9.72 -7.17 -5.46
C5 MAN B . -10.65 -7.33 -4.23
C6 MAN B . -11.37 -6.03 -3.87
O2 MAN B . -11.08 -9.21 -7.16
O3 MAN B . -8.49 -8.41 -7.15
O4 MAN B . -8.66 -6.25 -5.18
O5 MAN B . -11.64 -8.33 -4.46
O6 MAN B . -12.08 -5.55 -5.02
C1 GLC B . -7.09 -8.13 -7.12
C2 GLC B . -6.62 -7.71 -8.53
C3 GLC B . -6.50 -8.90 -9.46
C4 GLC B . -5.60 -9.93 -8.80
C5 GLC B . -6.17 -10.36 -7.46
C6 GLC B . -5.24 -11.37 -6.78
O2 GLC B . -7.52 -6.74 -9.06
O3 GLC B . -5.92 -8.52 -10.71
O4 GLC B . -5.48 -11.07 -9.64
O5 GLC B . -6.33 -9.23 -6.59
O6 GLC B . -5.83 -11.71 -5.52
CA CA C . -0.69 9.92 10.04
#